data_1VLR
#
_entry.id   1VLR
#
_cell.length_a   65.399
_cell.length_b   59.231
_cell.length_c   100.140
_cell.angle_alpha   90.00
_cell.angle_beta   103.80
_cell.angle_gamma   90.00
#
_symmetry.space_group_name_H-M   'P 1 21 1'
#
loop_
_entity.id
_entity.type
_entity.pdbx_description
1 polymer 'mRNA decapping enzyme'
2 non-polymer 1,2-ETHANEDIOL
3 water water
#
_entity_poly.entity_id   1
_entity_poly.type   'polypeptide(L)'
_entity_poly.pdbx_seq_one_letter_code
;MGSDKIHHHHHHMADTAPQLKRKREQEAEEAETPSTEEKEAGVGNGTSAPVRLPFSGFRVQKVLRESARDKIIFLHGKVN
EDSGDTHGEDAVVILEKTPFQVEHVAQLLTGSPELKLQFSNDIYSTYNLFPPRHLSDIKTTVVYPATEKHLQKYMRQDLR
LIRETGDDYRTITLPYLESQSLSIQWVYNILDKKAEADRIVFENPDPSDGFVLIPDLKWNQQQLDDLYLIAICHRRGIRS
LRDLTPEHLPLLRNILREGQEAILKRYQVTGDRLRVYLHYLPSYYHLHVHFTALGFEAPGSGVERAHLLAQVIENLECDP
KHYQQRTLTFALRTDDPLLQLLQKAQQERN
;
_entity_poly.pdbx_strand_id   A,B
#
loop_
_chem_comp.id
_chem_comp.type
_chem_comp.name
_chem_comp.formula
EDO non-polymer 1,2-ETHANEDIOL 'C2 H6 O2'
#
# COMPACT_ATOMS: atom_id res chain seq x y z
N PRO A 50 11.60 -14.49 38.43
CA PRO A 50 12.05 -13.51 37.44
C PRO A 50 12.03 -14.11 36.03
N VAL A 51 11.16 -13.57 35.16
CA VAL A 51 11.01 -14.05 33.81
C VAL A 51 12.15 -13.49 32.99
N ARG A 52 12.87 -14.38 32.31
CA ARG A 52 14.01 -13.99 31.55
C ARG A 52 13.92 -14.48 30.11
N LEU A 53 14.65 -13.78 29.26
CA LEU A 53 14.93 -14.22 27.92
C LEU A 53 15.80 -15.48 28.04
N PRO A 54 15.71 -16.39 27.06
CA PRO A 54 16.47 -17.64 27.11
C PRO A 54 17.97 -17.54 26.77
N PHE A 55 18.58 -16.40 27.02
CA PHE A 55 19.98 -16.18 26.71
C PHE A 55 20.51 -15.01 27.53
N SER A 56 21.82 -14.81 27.47
CA SER A 56 22.48 -13.73 28.24
C SER A 56 22.91 -12.62 27.38
N GLY A 57 22.49 -11.41 27.70
CA GLY A 57 22.94 -10.25 26.98
C GLY A 57 22.22 -10.15 25.62
N PHE A 58 22.51 -9.09 24.89
CA PHE A 58 21.94 -8.90 23.56
C PHE A 58 22.67 -7.76 22.93
N ARG A 59 23.37 -8.09 21.86
CA ARG A 59 24.14 -7.12 21.11
C ARG A 59 23.52 -7.16 19.72
N VAL A 60 23.15 -6.01 19.20
CA VAL A 60 22.58 -5.98 17.86
C VAL A 60 23.71 -6.20 16.84
N GLN A 61 23.58 -7.24 16.05
CA GLN A 61 24.51 -7.48 14.94
C GLN A 61 24.03 -6.71 13.73
N LYS A 62 22.72 -6.82 13.49
CA LYS A 62 22.11 -6.23 12.30
C LYS A 62 20.64 -5.96 12.59
N VAL A 63 20.15 -4.83 12.09
CA VAL A 63 18.73 -4.62 11.96
C VAL A 63 18.29 -5.34 10.70
N LEU A 64 17.50 -6.39 10.85
CA LEU A 64 17.11 -7.22 9.70
C LEU A 64 16.09 -6.50 8.81
N ARG A 65 15.15 -5.87 9.50
CA ARG A 65 14.02 -5.21 8.89
C ARG A 65 13.49 -4.19 9.89
N GLU A 66 13.01 -3.04 9.41
CA GLU A 66 12.28 -2.15 10.31
C GLU A 66 11.27 -1.27 9.57
N SER A 67 10.26 -0.84 10.32
CA SER A 67 9.17 -0.03 9.74
C SER A 67 8.82 0.97 10.80
N ALA A 68 9.21 2.21 10.55
CA ALA A 68 8.70 3.33 11.29
C ALA A 68 7.18 3.42 11.21
N ARG A 69 6.58 3.05 10.08
CA ARG A 69 5.13 3.12 9.92
C ARG A 69 4.40 2.17 10.84
N ASP A 70 4.88 0.96 10.89
CA ASP A 70 4.22 -0.13 11.55
C ASP A 70 4.73 -0.28 12.99
N LYS A 71 5.76 0.49 13.35
CA LYS A 71 6.30 0.52 14.73
C LYS A 71 6.82 -0.88 15.07
N ILE A 72 7.66 -1.41 14.18
CA ILE A 72 8.18 -2.77 14.34
C ILE A 72 9.64 -2.79 13.94
N ILE A 73 10.42 -3.65 14.59
CA ILE A 73 11.81 -3.84 14.25
C ILE A 73 12.19 -5.29 14.47
N PHE A 74 12.96 -5.81 13.53
CA PHE A 74 13.41 -7.19 13.55
C PHE A 74 14.89 -7.11 13.73
N LEU A 75 15.40 -7.69 14.82
CA LEU A 75 16.84 -7.57 15.16
C LEU A 75 17.55 -8.90 15.06
N HIS A 76 18.73 -8.88 14.48
CA HIS A 76 19.65 -9.99 14.58
C HIS A 76 20.59 -9.64 15.73
N GLY A 77 20.49 -10.37 16.84
CA GLY A 77 21.38 -10.10 17.95
C GLY A 77 22.38 -11.23 18.13
N LYS A 78 23.49 -10.91 18.76
CA LYS A 78 24.40 -11.92 19.26
C LYS A 78 24.14 -12.05 20.77
N VAL A 79 24.05 -13.28 21.22
CA VAL A 79 23.67 -13.59 22.61
C VAL A 79 24.66 -14.62 23.16
N ASN A 80 24.74 -14.72 24.48
CA ASN A 80 25.59 -15.71 25.13
C ASN A 80 27.07 -15.59 24.73
N GLU A 81 27.55 -14.36 24.62
CA GLU A 81 28.94 -14.07 24.27
C GLU A 81 29.82 -14.03 25.54
N GLY A 88 29.54 -17.01 21.10
CA GLY A 88 28.20 -16.41 21.15
C GLY A 88 27.26 -17.07 20.16
N GLU A 89 25.98 -16.75 20.24
CA GLU A 89 24.99 -17.38 19.38
C GLU A 89 24.11 -16.30 18.74
N ASP A 90 23.40 -16.68 17.68
CA ASP A 90 22.50 -15.77 16.98
C ASP A 90 21.11 -15.91 17.56
N ALA A 91 20.43 -14.79 17.66
CA ALA A 91 19.01 -14.76 18.01
C ALA A 91 18.35 -13.71 17.16
N VAL A 92 17.08 -13.95 16.85
CA VAL A 92 16.26 -12.91 16.24
C VAL A 92 15.25 -12.46 17.30
N VAL A 93 15.20 -11.15 17.51
CA VAL A 93 14.21 -10.57 18.37
C VAL A 93 13.41 -9.55 17.55
N ILE A 94 12.11 -9.71 17.57
CA ILE A 94 11.18 -8.83 16.84
C ILE A 94 10.43 -8.06 17.93
N LEU A 95 10.46 -6.74 17.86
CA LEU A 95 9.76 -5.92 18.81
C LEU A 95 8.70 -5.15 18.04
N GLU A 96 7.47 -5.12 18.55
CA GLU A 96 6.36 -4.45 17.90
C GLU A 96 5.56 -3.69 18.95
N LYS A 97 5.39 -2.39 18.78
CA LYS A 97 4.56 -1.62 19.67
C LYS A 97 3.16 -2.16 19.49
N THR A 98 2.35 -2.05 20.55
CA THR A 98 1.01 -2.57 20.51
C THR A 98 0.01 -1.53 20.04
N PRO A 99 -1.04 -2.02 19.41
CA PRO A 99 -2.14 -1.16 19.03
C PRO A 99 -2.85 -0.63 20.26
N PHE A 100 -3.52 0.48 20.11
CA PHE A 100 -4.32 1.02 21.21
C PHE A 100 -5.66 0.33 21.43
N GLN A 101 -6.06 0.21 22.70
CA GLN A 101 -7.41 -0.22 23.02
C GLN A 101 -8.10 1.03 23.51
N VAL A 102 -9.19 1.36 22.84
CA VAL A 102 -9.86 2.64 23.09
C VAL A 102 -10.26 2.79 24.56
N GLU A 103 -10.74 1.72 25.16
CA GLU A 103 -11.10 1.78 26.59
C GLU A 103 -9.92 2.20 27.49
N HIS A 104 -8.75 1.65 27.21
CA HIS A 104 -7.54 2.06 27.91
C HIS A 104 -7.27 3.52 27.78
N VAL A 105 -7.39 4.00 26.54
CA VAL A 105 -7.05 5.37 26.25
C VAL A 105 -8.09 6.27 26.91
N ALA A 106 -9.35 5.92 26.76
CA ALA A 106 -10.47 6.70 27.36
C ALA A 106 -10.26 6.86 28.87
N GLN A 107 -9.93 5.76 29.53
CA GLN A 107 -9.65 5.78 30.95
C GLN A 107 -8.41 6.52 31.32
N LEU A 108 -7.36 6.46 30.51
CA LEU A 108 -6.19 7.23 30.80
C LEU A 108 -6.38 8.73 30.76
N LEU A 109 -7.14 9.19 29.78
CA LEU A 109 -7.36 10.59 29.56
C LEU A 109 -8.21 11.24 30.67
N THR A 110 -8.91 10.44 31.46
CA THR A 110 -9.59 10.95 32.68
C THR A 110 -8.87 10.69 33.99
N GLY A 111 -7.69 10.09 33.93
CA GLY A 111 -6.90 9.74 35.11
C GLY A 111 -5.61 10.48 35.34
N SER A 112 -5.53 11.75 35.04
CA SER A 112 -4.26 12.45 35.33
C SER A 112 -2.99 11.76 34.73
N PRO A 113 -2.90 11.64 33.40
CA PRO A 113 -1.75 11.08 32.72
C PRO A 113 -0.51 11.91 32.91
N GLU A 114 0.67 11.29 32.88
CA GLU A 114 1.93 12.03 32.99
C GLU A 114 2.31 12.58 31.62
N LEU A 115 2.32 13.90 31.49
CA LEU A 115 2.53 14.56 30.22
C LEU A 115 3.67 15.51 30.28
N LYS A 116 4.50 15.56 29.23
CA LYS A 116 5.49 16.62 29.10
C LYS A 116 5.17 17.40 27.83
N LEU A 117 4.86 18.68 27.95
CA LEU A 117 4.53 19.47 26.79
C LEU A 117 5.74 19.66 25.89
N GLN A 118 5.57 19.39 24.60
CA GLN A 118 6.60 19.59 23.60
C GLN A 118 6.39 20.86 22.76
N PHE A 119 5.16 21.16 22.43
CA PHE A 119 4.86 22.23 21.53
C PHE A 119 3.42 22.62 21.73
N SER A 120 3.13 23.89 21.56
CA SER A 120 1.73 24.31 21.51
C SER A 120 1.55 25.54 20.73
N ASN A 121 0.41 25.65 20.07
CA ASN A 121 -0.13 26.95 19.70
C ASN A 121 -1.45 27.21 20.41
N ASP A 122 -2.32 28.07 19.89
CA ASP A 122 -3.50 28.44 20.63
C ASP A 122 -4.42 27.24 20.87
N ILE A 123 -4.49 26.30 19.94
CA ILE A 123 -5.41 25.15 20.10
C ILE A 123 -4.77 23.78 20.01
N TYR A 124 -3.61 23.70 19.36
CA TYR A 124 -2.90 22.46 19.14
C TYR A 124 -1.76 22.29 20.12
N SER A 125 -1.65 21.12 20.78
CA SER A 125 -0.66 20.89 21.79
C SER A 125 -0.11 19.47 21.56
N THR A 126 1.20 19.28 21.65
N THR A 126 1.20 19.32 21.71
CA THR A 126 1.76 17.95 21.57
CA THR A 126 1.85 18.04 21.58
C THR A 126 2.63 17.68 22.80
C THR A 126 2.56 17.72 22.89
N TYR A 127 2.52 16.45 23.28
CA TYR A 127 3.12 16.03 24.53
C TYR A 127 3.79 14.69 24.32
N ASN A 128 4.74 14.42 25.21
CA ASN A 128 5.18 13.09 25.51
C ASN A 128 4.33 12.60 26.68
N LEU A 129 3.63 11.51 26.45
CA LEU A 129 2.77 10.84 27.43
C LEU A 129 3.51 9.64 27.98
N PHE A 130 3.64 9.56 29.31
CA PHE A 130 4.32 8.46 29.96
C PHE A 130 3.21 7.62 30.60
N PRO A 131 2.79 6.59 29.87
CA PRO A 131 1.60 5.87 30.23
C PRO A 131 1.85 4.83 31.31
N PRO A 132 0.75 4.35 31.90
CA PRO A 132 0.78 3.19 32.73
C PRO A 132 1.22 2.00 31.88
N ARG A 133 1.62 0.95 32.56
CA ARG A 133 2.31 -0.13 31.85
C ARG A 133 1.44 -0.91 30.90
N HIS A 134 0.12 -0.88 31.07
CA HIS A 134 -0.73 -1.67 30.18
C HIS A 134 -0.93 -0.99 28.83
N LEU A 135 -0.40 0.22 28.66
CA LEU A 135 -0.46 0.83 27.31
C LEU A 135 0.84 0.76 26.53
N SER A 136 1.95 0.50 27.21
CA SER A 136 3.25 0.60 26.61
C SER A 136 3.97 -0.75 26.48
N ASP A 137 3.25 -1.84 26.72
CA ASP A 137 3.88 -3.15 26.54
C ASP A 137 4.25 -3.37 25.09
N ILE A 138 5.35 -4.07 24.87
CA ILE A 138 5.87 -4.33 23.56
C ILE A 138 5.83 -5.83 23.31
N LYS A 139 5.22 -6.19 22.20
CA LYS A 139 5.15 -7.53 21.79
C LYS A 139 6.55 -7.94 21.35
N THR A 140 7.06 -9.01 21.96
CA THR A 140 8.44 -9.40 21.79
C THR A 140 8.49 -10.86 21.37
N THR A 141 8.97 -11.09 20.15
CA THR A 141 9.09 -12.40 19.60
C THR A 141 10.54 -12.77 19.58
N VAL A 142 10.84 -13.94 20.14
CA VAL A 142 12.20 -14.40 20.23
C VAL A 142 12.40 -15.75 19.47
N VAL A 143 13.39 -15.74 18.59
CA VAL A 143 13.87 -16.93 17.89
C VAL A 143 15.28 -17.18 18.34
N TYR A 144 15.45 -18.25 19.13
CA TYR A 144 16.75 -18.54 19.70
C TYR A 144 16.88 -20.06 19.87
N PRO A 145 17.95 -20.65 19.38
CA PRO A 145 18.91 -20.00 18.52
C PRO A 145 18.33 -19.78 17.12
N ALA A 146 18.79 -18.73 16.47
CA ALA A 146 18.43 -18.42 15.07
C ALA A 146 19.45 -18.97 14.07
N THR A 147 18.93 -19.69 13.10
CA THR A 147 19.71 -20.18 11.98
C THR A 147 19.75 -19.17 10.85
N GLU A 148 20.64 -19.43 9.91
CA GLU A 148 20.70 -18.67 8.68
C GLU A 148 19.33 -18.56 8.02
N LYS A 149 18.54 -19.62 8.02
CA LYS A 149 17.20 -19.59 7.45
C LYS A 149 16.32 -18.55 8.13
N HIS A 150 16.45 -18.46 9.45
CA HIS A 150 15.69 -17.46 10.20
C HIS A 150 16.17 -16.06 9.84
N LEU A 151 17.48 -15.87 9.78
CA LEU A 151 18.05 -14.58 9.45
C LEU A 151 17.63 -14.17 8.03
N GLN A 152 17.61 -15.11 7.10
CA GLN A 152 17.17 -14.78 5.73
C GLN A 152 15.67 -14.57 5.69
N LYS A 153 14.93 -15.29 6.51
CA LYS A 153 13.48 -15.06 6.59
C LYS A 153 13.10 -13.63 6.99
N TYR A 154 13.82 -13.06 7.94
CA TYR A 154 13.33 -11.81 8.51
C TYR A 154 14.00 -10.62 7.86
N MET A 155 15.04 -10.88 7.07
CA MET A 155 15.73 -9.81 6.36
C MET A 155 14.71 -9.09 5.47
N ARG A 156 14.77 -7.76 5.45
CA ARG A 156 13.89 -6.92 4.61
C ARG A 156 13.98 -7.49 3.19
N GLN A 157 12.87 -7.61 2.50
CA GLN A 157 12.94 -8.05 1.10
C GLN A 157 13.68 -7.08 0.21
N ASP A 158 14.41 -7.62 -0.74
CA ASP A 158 15.16 -6.86 -1.71
C ASP A 158 14.54 -7.18 -3.08
N LEU A 159 13.62 -6.33 -3.52
CA LEU A 159 12.86 -6.60 -4.72
C LEU A 159 13.41 -5.86 -5.90
N ARG A 160 13.25 -6.46 -7.10
CA ARG A 160 13.56 -5.79 -8.34
C ARG A 160 12.34 -5.92 -9.24
N LEU A 161 12.09 -4.88 -10.04
CA LEU A 161 11.00 -4.92 -11.00
C LEU A 161 11.57 -5.57 -12.24
N ILE A 162 10.73 -6.35 -12.89
CA ILE A 162 11.03 -6.84 -14.23
C ILE A 162 9.83 -6.55 -15.11
N ARG A 163 10.11 -6.21 -16.36
CA ARG A 163 9.06 -5.96 -17.34
C ARG A 163 9.14 -7.11 -18.33
N GLU A 164 8.24 -8.07 -18.15
CA GLU A 164 8.28 -9.32 -18.88
C GLU A 164 7.52 -9.21 -20.16
N THR A 165 8.22 -9.27 -21.29
CA THR A 165 7.51 -9.22 -22.56
C THR A 165 6.80 -10.54 -22.82
N GLY A 166 5.90 -10.53 -23.80
CA GLY A 166 5.21 -11.75 -24.20
C GLY A 166 6.19 -12.84 -24.54
N ASP A 167 7.27 -12.47 -25.22
CA ASP A 167 8.31 -13.47 -25.62
C ASP A 167 9.12 -13.92 -24.42
N ASP A 168 9.37 -13.01 -23.47
CA ASP A 168 10.05 -13.41 -22.24
C ASP A 168 9.21 -14.43 -21.51
N TYR A 169 7.90 -14.26 -21.48
CA TYR A 169 7.10 -15.17 -20.72
C TYR A 169 7.22 -16.55 -21.42
N ARG A 170 6.98 -16.55 -22.71
CA ARG A 170 6.92 -17.79 -23.51
C ARG A 170 8.24 -18.54 -23.46
N THR A 171 9.32 -17.78 -23.55
CA THR A 171 10.66 -18.38 -23.73
C THR A 171 11.40 -18.65 -22.43
N ILE A 172 11.16 -17.82 -21.42
CA ILE A 172 11.90 -17.86 -20.17
C ILE A 172 11.04 -18.24 -19.00
N THR A 173 9.98 -17.44 -18.74
CA THR A 173 9.18 -17.71 -17.57
C THR A 173 8.46 -19.03 -17.58
N LEU A 174 7.79 -19.32 -18.67
CA LEU A 174 6.97 -20.53 -18.73
C LEU A 174 7.86 -21.76 -18.52
N PRO A 175 8.94 -21.91 -19.28
CA PRO A 175 9.86 -23.04 -19.03
C PRO A 175 10.28 -23.14 -17.59
N TYR A 176 10.61 -22.02 -16.97
CA TYR A 176 11.01 -22.03 -15.58
C TYR A 176 9.92 -22.55 -14.67
N LEU A 177 8.71 -22.06 -14.85
CA LEU A 177 7.58 -22.52 -14.05
C LEU A 177 7.34 -24.03 -14.24
N GLU A 178 7.38 -24.48 -15.47
CA GLU A 178 7.22 -25.92 -15.73
C GLU A 178 8.29 -26.79 -15.08
N SER A 179 9.50 -26.24 -14.91
CA SER A 179 10.57 -26.98 -14.28
C SER A 179 10.36 -27.07 -12.78
N GLN A 180 9.63 -26.12 -12.23
CA GLN A 180 9.30 -26.18 -10.84
C GLN A 180 8.07 -27.07 -10.70
N SER A 181 7.04 -26.86 -11.52
CA SER A 181 5.83 -27.69 -11.43
C SER A 181 5.46 -28.00 -9.97
N LEU A 182 5.32 -26.94 -9.18
CA LEU A 182 4.87 -27.07 -7.79
C LEU A 182 3.41 -27.54 -7.72
N SER A 183 3.12 -28.42 -6.74
CA SER A 183 1.77 -28.95 -6.59
C SER A 183 0.78 -27.85 -6.27
N ILE A 184 -0.39 -27.93 -6.88
CA ILE A 184 -1.54 -27.15 -6.44
C ILE A 184 -2.66 -28.09 -6.01
N GLN A 185 -2.30 -29.25 -5.48
CA GLN A 185 -3.34 -30.18 -5.07
C GLN A 185 -4.30 -29.62 -4.03
N TRP A 186 -3.82 -28.78 -3.12
CA TRP A 186 -4.73 -28.12 -2.19
C TRP A 186 -5.88 -27.36 -2.88
N VAL A 187 -5.59 -26.77 -4.04
CA VAL A 187 -6.58 -26.03 -4.81
C VAL A 187 -7.63 -27.00 -5.27
N TYR A 188 -7.19 -28.09 -5.87
CA TYR A 188 -8.10 -29.11 -6.40
C TYR A 188 -8.90 -29.72 -5.27
N ASN A 189 -8.30 -29.85 -4.10
CA ASN A 189 -9.03 -30.35 -2.94
C ASN A 189 -10.19 -29.46 -2.55
N ILE A 190 -9.98 -28.15 -2.61
CA ILE A 190 -11.09 -27.22 -2.38
C ILE A 190 -12.18 -27.36 -3.44
N LEU A 191 -11.80 -27.43 -4.71
CA LEU A 191 -12.74 -27.47 -5.78
C LEU A 191 -13.57 -28.74 -5.81
N ASP A 192 -12.93 -29.84 -5.40
CA ASP A 192 -13.52 -31.19 -5.41
C ASP A 192 -14.35 -31.40 -4.14
N LYS A 193 -14.31 -30.45 -3.21
CA LYS A 193 -14.96 -30.52 -1.88
C LYS A 193 -14.54 -31.76 -1.05
N ASP A 198 -16.41 -26.80 3.65
CA ASP A 198 -17.43 -26.16 4.49
C ASP A 198 -17.27 -24.63 4.48
N ARG A 199 -16.13 -24.18 3.97
CA ARG A 199 -15.82 -22.75 3.94
C ARG A 199 -16.34 -21.98 2.71
N ILE A 200 -16.77 -22.71 1.68
CA ILE A 200 -17.32 -22.07 0.47
C ILE A 200 -18.58 -21.25 0.80
N VAL A 201 -18.53 -19.96 0.44
CA VAL A 201 -19.62 -19.02 0.62
C VAL A 201 -20.52 -18.96 -0.60
N PHE A 202 -19.97 -19.19 -1.78
CA PHE A 202 -20.72 -19.16 -3.01
C PHE A 202 -20.03 -20.06 -4.01
N GLU A 203 -20.82 -20.74 -4.85
CA GLU A 203 -20.29 -21.55 -5.93
C GLU A 203 -21.16 -21.47 -7.13
N ASN A 204 -20.52 -21.21 -8.28
CA ASN A 204 -21.03 -21.48 -9.59
C ASN A 204 -20.33 -22.77 -10.01
N PRO A 205 -21.06 -23.90 -10.07
CA PRO A 205 -20.43 -25.19 -10.26
C PRO A 205 -20.05 -25.55 -11.70
N ASP A 206 -20.25 -24.63 -12.63
CA ASP A 206 -19.93 -24.87 -14.01
C ASP A 206 -18.43 -25.20 -14.02
N PRO A 207 -18.08 -26.34 -14.61
CA PRO A 207 -16.69 -26.79 -14.61
C PRO A 207 -15.79 -25.98 -15.55
N SER A 208 -16.39 -25.22 -16.46
N SER A 208 -16.40 -25.23 -16.46
CA SER A 208 -15.63 -24.38 -17.37
CA SER A 208 -15.63 -24.37 -17.35
C SER A 208 -15.72 -22.91 -16.99
C SER A 208 -15.70 -22.93 -16.89
N ASP A 209 -16.91 -22.43 -16.65
CA ASP A 209 -17.10 -21.00 -16.38
C ASP A 209 -17.42 -20.70 -14.92
N GLY A 210 -17.29 -21.69 -14.05
CA GLY A 210 -17.65 -21.58 -12.65
C GLY A 210 -16.48 -21.34 -11.74
N PHE A 211 -16.77 -21.21 -10.45
CA PHE A 211 -15.79 -20.90 -9.46
C PHE A 211 -16.33 -21.10 -8.09
N VAL A 212 -15.46 -21.18 -7.11
CA VAL A 212 -15.86 -21.11 -5.76
C VAL A 212 -15.31 -19.87 -5.07
N LEU A 213 -16.07 -19.36 -4.11
CA LEU A 213 -15.70 -18.18 -3.34
C LEU A 213 -15.57 -18.54 -1.89
N ILE A 214 -14.37 -18.30 -1.36
CA ILE A 214 -14.03 -18.66 -0.01
C ILE A 214 -13.37 -17.50 0.71
N PRO A 215 -13.71 -17.33 1.98
CA PRO A 215 -13.02 -16.37 2.83
C PRO A 215 -11.55 -16.68 2.93
N ASP A 216 -10.71 -15.64 2.93
CA ASP A 216 -9.35 -15.84 3.26
C ASP A 216 -9.20 -16.40 4.66
N LEU A 217 -8.23 -17.32 4.81
CA LEU A 217 -7.99 -17.92 6.12
C LEU A 217 -7.69 -16.90 7.21
N LYS A 218 -7.00 -15.81 6.86
CA LYS A 218 -6.63 -14.79 7.84
C LYS A 218 -7.76 -13.82 8.20
N TRP A 219 -8.84 -13.79 7.42
CA TRP A 219 -9.98 -12.97 7.77
C TRP A 219 -10.89 -13.74 8.77
N ASN A 220 -10.94 -13.26 10.01
CA ASN A 220 -11.78 -13.90 11.07
C ASN A 220 -13.27 -13.65 10.91
N GLN A 221 -13.61 -12.69 10.04
CA GLN A 221 -14.97 -12.26 9.77
C GLN A 221 -15.59 -11.56 10.97
N GLN A 222 -14.75 -11.20 11.94
CA GLN A 222 -15.22 -10.44 13.11
C GLN A 222 -15.51 -8.99 12.77
N GLN A 223 -15.17 -8.55 11.55
CA GLN A 223 -15.42 -7.21 11.10
C GLN A 223 -15.38 -7.19 9.56
N LEU A 224 -15.93 -6.18 8.94
CA LEU A 224 -15.92 -6.08 7.47
C LEU A 224 -14.77 -5.20 6.95
N ASP A 225 -14.06 -4.53 7.84
CA ASP A 225 -13.01 -3.64 7.43
C ASP A 225 -11.92 -4.34 6.64
N ASP A 226 -11.67 -5.61 6.95
CA ASP A 226 -10.62 -6.36 6.32
C ASP A 226 -11.19 -7.57 5.58
N LEU A 227 -12.43 -7.40 5.09
CA LEU A 227 -13.07 -8.39 4.24
C LEU A 227 -12.09 -8.81 3.16
N TYR A 228 -11.96 -10.11 2.99
CA TYR A 228 -11.07 -10.69 2.02
C TYR A 228 -11.55 -12.08 1.65
N LEU A 229 -12.02 -12.22 0.43
CA LEU A 229 -12.41 -13.51 -0.13
C LEU A 229 -11.63 -13.77 -1.39
N ILE A 230 -11.55 -15.03 -1.75
N ILE A 230 -11.50 -15.04 -1.74
CA ILE A 230 -10.86 -15.47 -2.96
CA ILE A 230 -10.84 -15.44 -2.97
C ILE A 230 -11.80 -16.31 -3.77
C ILE A 230 -11.79 -16.31 -3.78
N ALA A 231 -11.85 -16.04 -5.07
CA ALA A 231 -12.55 -16.86 -6.06
C ALA A 231 -11.50 -17.72 -6.75
N ILE A 232 -11.73 -19.02 -6.75
CA ILE A 232 -10.92 -19.96 -7.46
C ILE A 232 -11.76 -20.57 -8.55
N CYS A 233 -11.30 -20.50 -9.80
CA CYS A 233 -12.06 -21.12 -10.89
C CYS A 233 -12.04 -22.67 -10.86
N HIS A 234 -13.16 -23.26 -11.29
CA HIS A 234 -13.22 -24.71 -11.46
C HIS A 234 -12.35 -25.24 -12.58
N ARG A 235 -12.26 -24.47 -13.67
CA ARG A 235 -11.56 -24.89 -14.80
C ARG A 235 -10.07 -25.03 -14.42
N ARG A 236 -9.48 -26.09 -14.94
CA ARG A 236 -8.06 -26.38 -14.71
C ARG A 236 -7.14 -25.85 -15.80
N GLY A 237 -5.89 -25.55 -15.42
CA GLY A 237 -4.86 -25.29 -16.39
C GLY A 237 -4.74 -23.85 -16.82
N ILE A 238 -5.44 -22.93 -16.14
CA ILE A 238 -5.32 -21.49 -16.38
C ILE A 238 -4.35 -21.04 -15.32
N ARG A 239 -3.11 -20.83 -15.72
N ARG A 239 -3.10 -20.86 -15.71
CA ARG A 239 -2.03 -20.69 -14.76
CA ARG A 239 -2.02 -20.63 -14.74
C ARG A 239 -1.99 -19.29 -14.18
C ARG A 239 -2.14 -19.27 -14.12
N SER A 240 -2.42 -18.29 -14.96
CA SER A 240 -2.31 -16.87 -14.57
C SER A 240 -2.96 -16.05 -15.64
N LEU A 241 -2.84 -14.72 -15.50
CA LEU A 241 -3.21 -13.78 -16.57
C LEU A 241 -2.71 -14.18 -17.91
N ARG A 242 -1.50 -14.74 -17.97
CA ARG A 242 -0.88 -15.06 -19.26
C ARG A 242 -1.69 -16.06 -20.12
N ASP A 243 -2.55 -16.81 -19.49
CA ASP A 243 -3.35 -17.83 -20.18
C ASP A 243 -4.69 -17.33 -20.58
N LEU A 244 -5.02 -16.10 -20.22
CA LEU A 244 -6.37 -15.57 -20.49
C LEU A 244 -6.57 -15.15 -21.95
N THR A 245 -7.66 -15.61 -22.56
CA THR A 245 -8.07 -15.31 -23.92
C THR A 245 -9.57 -14.97 -23.85
N PRO A 246 -10.16 -14.49 -24.94
CA PRO A 246 -11.57 -14.17 -24.93
C PRO A 246 -12.43 -15.37 -24.54
N GLU A 247 -11.89 -16.60 -24.72
CA GLU A 247 -12.60 -17.82 -24.31
C GLU A 247 -12.97 -17.76 -22.82
N HIS A 248 -12.15 -17.06 -22.05
CA HIS A 248 -12.33 -16.98 -20.61
C HIS A 248 -13.21 -15.83 -20.18
N LEU A 249 -13.71 -15.04 -21.11
CA LEU A 249 -14.51 -13.90 -20.71
C LEU A 249 -15.77 -14.27 -19.89
N PRO A 250 -16.54 -15.25 -20.30
CA PRO A 250 -17.68 -15.66 -19.47
C PRO A 250 -17.27 -16.02 -18.06
N LEU A 251 -16.20 -16.80 -17.88
CA LEU A 251 -15.70 -17.09 -16.55
C LEU A 251 -15.37 -15.82 -15.75
N LEU A 252 -14.53 -15.00 -16.34
CA LEU A 252 -14.12 -13.79 -15.67
C LEU A 252 -15.31 -12.91 -15.29
N ARG A 253 -16.25 -12.74 -16.22
CA ARG A 253 -17.45 -11.96 -15.93
C ARG A 253 -18.29 -12.61 -14.83
N ASN A 254 -18.37 -13.92 -14.86
CA ASN A 254 -19.03 -14.64 -13.76
C ASN A 254 -18.44 -14.38 -12.39
N ILE A 255 -17.13 -14.44 -12.30
CA ILE A 255 -16.47 -14.21 -11.04
C ILE A 255 -16.77 -12.80 -10.54
N LEU A 256 -16.61 -11.84 -11.44
CA LEU A 256 -16.83 -10.44 -11.03
C LEU A 256 -18.28 -10.20 -10.66
N ARG A 257 -19.19 -10.63 -11.49
CA ARG A 257 -20.60 -10.38 -11.22
C ARG A 257 -21.11 -11.19 -10.07
N GLU A 258 -20.97 -12.49 -10.14
CA GLU A 258 -21.53 -13.35 -9.10
C GLU A 258 -20.80 -13.24 -7.79
N GLY A 259 -19.49 -12.98 -7.86
CA GLY A 259 -18.73 -12.76 -6.62
C GLY A 259 -19.20 -11.51 -5.90
N GLN A 260 -19.44 -10.43 -6.62
CA GLN A 260 -19.98 -9.24 -6.01
C GLN A 260 -21.40 -9.48 -5.46
N GLU A 261 -22.23 -10.12 -6.27
CA GLU A 261 -23.61 -10.47 -5.81
C GLU A 261 -23.58 -11.26 -4.53
N ALA A 262 -22.68 -12.24 -4.43
CA ALA A 262 -22.55 -13.03 -3.23
C ALA A 262 -22.14 -12.24 -2.02
N ILE A 263 -21.17 -11.34 -2.19
CA ILE A 263 -20.68 -10.55 -1.10
C ILE A 263 -21.74 -9.54 -0.65
N LEU A 264 -22.52 -9.06 -1.60
CA LEU A 264 -23.57 -8.12 -1.30
C LEU A 264 -24.59 -8.84 -0.43
N LYS A 265 -24.97 -10.02 -0.86
CA LYS A 265 -26.04 -10.72 -0.15
C LYS A 265 -25.63 -11.26 1.19
N ARG A 266 -24.39 -11.70 1.29
CA ARG A 266 -23.91 -12.24 2.53
C ARG A 266 -23.43 -11.22 3.54
N TYR A 267 -22.72 -10.17 3.11
CA TYR A 267 -22.08 -9.23 4.04
C TYR A 267 -22.62 -7.81 3.90
N GLN A 268 -23.52 -7.61 2.95
CA GLN A 268 -24.13 -6.31 2.72
C GLN A 268 -23.06 -5.30 2.31
N VAL A 269 -22.02 -5.75 1.61
CA VAL A 269 -20.99 -4.84 1.09
C VAL A 269 -21.21 -4.71 -0.43
N THR A 270 -21.43 -3.46 -0.86
CA THR A 270 -21.65 -3.16 -2.25
C THR A 270 -20.34 -3.24 -3.05
N GLY A 271 -20.49 -3.38 -4.36
CA GLY A 271 -19.34 -3.64 -5.21
C GLY A 271 -18.38 -2.47 -5.28
N ASP A 272 -18.94 -1.27 -5.14
CA ASP A 272 -18.15 -0.04 -5.08
C ASP A 272 -17.35 0.14 -3.77
N ARG A 273 -17.47 -0.83 -2.86
CA ARG A 273 -16.64 -0.91 -1.67
C ARG A 273 -15.66 -2.06 -1.68
N LEU A 274 -15.45 -2.63 -2.87
CA LEU A 274 -14.56 -3.76 -3.03
C LEU A 274 -13.49 -3.47 -4.06
N ARG A 275 -12.29 -4.00 -3.82
CA ARG A 275 -11.19 -4.01 -4.77
C ARG A 275 -11.05 -5.45 -5.18
N VAL A 276 -11.29 -5.72 -6.46
CA VAL A 276 -11.43 -7.08 -6.97
C VAL A 276 -10.34 -7.24 -8.06
N TYR A 277 -9.36 -8.09 -7.77
CA TYR A 277 -8.12 -8.14 -8.53
C TYR A 277 -7.43 -9.47 -8.56
N LEU A 278 -6.54 -9.61 -9.54
CA LEU A 278 -5.65 -10.76 -9.65
C LEU A 278 -4.22 -10.28 -9.37
N HIS A 279 -3.38 -11.22 -8.99
CA HIS A 279 -1.95 -10.98 -8.81
C HIS A 279 -1.18 -11.48 -9.99
N TYR A 280 -0.15 -10.72 -10.37
CA TYR A 280 0.85 -11.25 -11.30
C TYR A 280 2.18 -10.71 -10.79
N LEU A 281 3.09 -11.59 -10.41
CA LEU A 281 2.91 -13.04 -10.45
C LEU A 281 2.03 -13.50 -9.32
N PRO A 282 1.22 -14.53 -9.57
CA PRO A 282 0.35 -15.03 -8.55
C PRO A 282 1.15 -15.92 -7.62
N SER A 283 0.64 -16.13 -6.41
CA SER A 283 1.33 -16.97 -5.45
C SER A 283 1.21 -18.44 -5.76
N TYR A 284 0.22 -18.79 -6.58
CA TYR A 284 0.11 -20.14 -7.12
C TYR A 284 -0.49 -20.07 -8.49
N TYR A 285 -0.19 -21.04 -9.33
CA TYR A 285 -0.56 -21.00 -10.72
C TYR A 285 -1.81 -21.75 -11.06
N HIS A 286 -2.92 -21.25 -10.50
CA HIS A 286 -4.24 -21.67 -10.92
C HIS A 286 -5.05 -20.42 -10.71
N LEU A 287 -5.66 -19.91 -11.77
CA LEU A 287 -6.35 -18.57 -11.73
C LEU A 287 -7.23 -18.38 -10.51
N HIS A 288 -7.01 -17.28 -9.80
CA HIS A 288 -7.83 -16.93 -8.64
C HIS A 288 -7.91 -15.42 -8.54
N VAL A 289 -8.98 -14.93 -7.90
CA VAL A 289 -9.32 -13.53 -7.86
C VAL A 289 -9.52 -13.09 -6.42
N HIS A 290 -8.88 -11.99 -6.03
CA HIS A 290 -9.02 -11.43 -4.69
C HIS A 290 -10.13 -10.43 -4.62
N PHE A 291 -10.97 -10.57 -3.60
CA PHE A 291 -12.05 -9.61 -3.33
C PHE A 291 -11.75 -9.01 -1.96
N THR A 292 -11.34 -7.75 -1.91
CA THR A 292 -10.97 -7.14 -0.62
C THR A 292 -11.77 -5.88 -0.41
N ALA A 293 -12.02 -5.54 0.85
CA ALA A 293 -12.56 -4.23 1.21
C ALA A 293 -11.70 -3.15 0.58
N LEU A 294 -12.33 -2.15 0.00
CA LEU A 294 -11.61 -1.05 -0.63
C LEU A 294 -10.75 -0.32 0.40
N GLY A 295 -11.23 -0.18 1.63
CA GLY A 295 -10.39 0.40 2.68
C GLY A 295 -9.25 -0.40 3.27
N PHE A 296 -9.14 -1.67 2.88
CA PHE A 296 -8.11 -2.56 3.37
C PHE A 296 -6.96 -2.52 2.37
N GLU A 297 -5.79 -2.03 2.78
CA GLU A 297 -4.60 -2.09 1.90
C GLU A 297 -4.06 -3.52 1.89
N ALA A 298 -4.78 -4.37 1.18
CA ALA A 298 -4.57 -5.80 1.15
C ALA A 298 -3.22 -6.21 0.53
N PRO A 299 -2.78 -7.45 0.82
CA PRO A 299 -1.63 -8.06 0.18
C PRO A 299 -1.64 -8.03 -1.31
N GLY A 300 -0.54 -7.47 -1.81
CA GLY A 300 -0.28 -7.39 -3.19
C GLY A 300 -1.36 -6.55 -3.85
N SER A 301 -1.86 -5.49 -3.23
CA SER A 301 -2.80 -4.63 -3.95
C SER A 301 -2.11 -3.45 -4.66
N GLY A 302 -0.79 -3.39 -4.56
CA GLY A 302 0.01 -2.39 -5.28
C GLY A 302 -0.08 -2.58 -6.77
N VAL A 303 0.16 -1.52 -7.50
CA VAL A 303 0.11 -1.51 -8.93
C VAL A 303 1.10 -2.54 -9.56
N GLU A 304 2.22 -2.84 -8.88
CA GLU A 304 3.24 -3.72 -9.43
C GLU A 304 2.87 -5.18 -9.32
N ARG A 305 1.71 -5.48 -8.71
CA ARG A 305 1.23 -6.84 -8.60
C ARG A 305 -0.25 -7.02 -8.94
N ALA A 306 -1.09 -6.07 -8.58
CA ALA A 306 -2.52 -6.26 -8.68
C ALA A 306 -3.07 -5.78 -10.04
N HIS A 307 -4.00 -6.54 -10.58
CA HIS A 307 -4.66 -6.20 -11.82
C HIS A 307 -6.15 -6.31 -11.60
N LEU A 308 -6.88 -5.20 -11.70
CA LEU A 308 -8.31 -5.19 -11.38
C LEU A 308 -9.02 -6.09 -12.41
N LEU A 309 -9.90 -6.97 -11.90
CA LEU A 309 -10.64 -7.88 -12.75
C LEU A 309 -11.45 -7.19 -13.83
N ALA A 310 -12.12 -6.09 -13.50
CA ALA A 310 -12.95 -5.37 -14.45
C ALA A 310 -12.11 -4.88 -15.61
N GLN A 311 -10.89 -4.47 -15.27
CA GLN A 311 -9.95 -3.99 -16.27
C GLN A 311 -9.29 -5.08 -17.09
N VAL A 312 -9.02 -6.26 -16.49
CA VAL A 312 -8.59 -7.43 -17.23
C VAL A 312 -9.64 -7.79 -18.32
N ILE A 313 -10.89 -7.85 -17.89
CA ILE A 313 -11.96 -8.13 -18.81
C ILE A 313 -11.98 -7.17 -19.96
N GLU A 314 -11.95 -5.88 -19.67
CA GLU A 314 -11.97 -4.89 -20.75
C GLU A 314 -10.73 -4.89 -21.64
N ASN A 315 -9.58 -5.26 -21.07
CA ASN A 315 -8.35 -5.45 -21.84
C ASN A 315 -8.53 -6.53 -22.89
N LEU A 316 -9.13 -7.66 -22.50
CA LEU A 316 -9.45 -8.77 -23.43
C LEU A 316 -10.47 -8.43 -24.46
N GLU A 317 -11.45 -7.64 -24.05
CA GLU A 317 -12.44 -7.15 -24.98
C GLU A 317 -11.83 -6.27 -26.04
N CYS A 318 -10.88 -5.46 -25.64
CA CYS A 318 -10.25 -4.50 -26.54
C CYS A 318 -9.18 -5.12 -27.39
N ASP A 319 -8.44 -6.12 -26.87
CA ASP A 319 -7.35 -6.75 -27.60
C ASP A 319 -7.34 -8.19 -27.19
N PRO A 320 -7.86 -9.08 -28.03
CA PRO A 320 -8.01 -10.48 -27.69
C PRO A 320 -6.74 -11.15 -27.24
N LYS A 321 -5.61 -10.68 -27.78
CA LYS A 321 -4.32 -11.30 -27.49
C LYS A 321 -3.53 -10.53 -26.45
N HIS A 322 -4.20 -9.62 -25.77
CA HIS A 322 -3.50 -8.75 -24.83
C HIS A 322 -2.56 -9.47 -23.92
N TYR A 323 -3.01 -10.52 -23.25
CA TYR A 323 -2.20 -11.13 -22.21
C TYR A 323 -1.10 -12.03 -22.71
N GLN A 324 -1.14 -12.35 -24.00
CA GLN A 324 -0.01 -13.06 -24.60
C GLN A 324 1.00 -12.12 -25.19
N GLN A 325 0.56 -10.94 -25.58
CA GLN A 325 1.41 -10.04 -26.36
C GLN A 325 2.01 -8.92 -25.54
N ARG A 326 1.26 -8.43 -24.56
CA ARG A 326 1.72 -7.26 -23.80
C ARG A 326 2.75 -7.60 -22.74
N THR A 327 3.49 -6.55 -22.36
CA THR A 327 4.48 -6.60 -21.33
C THR A 327 3.84 -6.35 -19.98
N LEU A 328 4.09 -7.26 -19.06
CA LEU A 328 3.54 -7.18 -17.70
C LEU A 328 4.69 -6.89 -16.78
N THR A 329 4.45 -6.01 -15.82
CA THR A 329 5.46 -5.57 -14.89
C THR A 329 5.22 -6.11 -13.49
N PHE A 330 6.24 -6.71 -12.91
CA PHE A 330 6.12 -7.28 -11.58
C PHE A 330 7.45 -7.28 -10.88
N ALA A 331 7.40 -7.60 -9.58
CA ALA A 331 8.61 -7.57 -8.72
C ALA A 331 8.99 -8.98 -8.35
N LEU A 332 10.29 -9.22 -8.20
CA LEU A 332 10.82 -10.48 -7.78
C LEU A 332 11.93 -10.21 -6.76
N ARG A 333 12.09 -11.11 -5.80
CA ARG A 333 13.24 -11.06 -4.92
C ARG A 333 14.57 -11.26 -5.67
N THR A 334 15.62 -10.63 -5.16
CA THR A 334 16.91 -10.69 -5.84
C THR A 334 17.48 -12.11 -5.83
N ASP A 335 17.00 -12.96 -4.94
CA ASP A 335 17.47 -14.34 -4.89
C ASP A 335 16.51 -15.29 -5.59
N ASP A 336 15.59 -14.75 -6.38
CA ASP A 336 14.64 -15.60 -7.08
C ASP A 336 15.32 -16.00 -8.37
N PRO A 337 15.53 -17.30 -8.62
CA PRO A 337 16.20 -17.73 -9.87
C PRO A 337 15.59 -17.18 -11.14
N LEU A 338 14.29 -16.97 -11.14
CA LEU A 338 13.63 -16.45 -12.30
C LEU A 338 14.14 -15.06 -12.60
N LEU A 339 14.42 -14.27 -11.59
CA LEU A 339 14.89 -12.91 -11.86
C LEU A 339 16.17 -12.89 -12.68
N GLN A 340 17.13 -13.72 -12.34
CA GLN A 340 18.40 -13.76 -13.10
C GLN A 340 18.20 -14.31 -14.53
N LEU A 341 17.30 -15.27 -14.69
CA LEU A 341 16.95 -15.78 -16.03
C LEU A 341 16.39 -14.69 -16.90
N LEU A 342 15.43 -13.96 -16.35
CA LEU A 342 14.88 -12.84 -17.07
C LEU A 342 15.89 -11.74 -17.33
N GLN A 343 16.61 -11.34 -16.31
CA GLN A 343 17.63 -10.31 -16.55
C GLN A 343 18.65 -10.75 -17.62
N LYS A 344 19.13 -11.98 -17.57
CA LYS A 344 20.08 -12.44 -18.63
C LYS A 344 19.49 -12.37 -19.99
N ALA A 345 18.25 -12.88 -20.13
CA ALA A 345 17.53 -12.85 -21.41
C ALA A 345 17.41 -11.43 -21.92
N GLN A 346 17.07 -10.50 -21.03
CA GLN A 346 16.93 -9.10 -21.44
C GLN A 346 18.25 -8.43 -21.84
N GLN A 347 19.32 -8.76 -21.13
CA GLN A 347 20.66 -8.28 -21.48
C GLN A 347 21.07 -8.76 -22.88
N GLU A 348 20.75 -10.01 -23.20
CA GLU A 348 21.09 -10.60 -24.50
C GLU A 348 20.44 -9.92 -25.71
N ARG A 349 19.23 -9.37 -25.54
CA ARG A 349 18.56 -8.69 -26.66
C ARG A 349 18.63 -7.18 -26.49
N VAL B 51 1.55 19.03 34.88
CA VAL B 51 1.15 19.33 33.45
C VAL B 51 -0.11 18.57 33.17
N ARG B 52 -1.20 19.28 33.00
CA ARG B 52 -2.48 18.66 32.83
C ARG B 52 -2.92 18.91 31.37
N LEU B 53 -3.87 18.08 30.91
CA LEU B 53 -4.58 18.34 29.68
C LEU B 53 -5.26 19.70 29.83
N PRO B 54 -5.56 20.38 28.73
CA PRO B 54 -6.15 21.72 28.76
C PRO B 54 -7.66 21.75 28.98
N PHE B 55 -8.18 20.65 29.48
CA PHE B 55 -9.60 20.51 29.78
C PHE B 55 -9.72 19.38 30.78
N SER B 56 -10.95 19.09 31.19
CA SER B 56 -11.20 17.88 31.99
C SER B 56 -12.48 17.27 31.54
N GLY B 57 -12.78 16.09 32.12
CA GLY B 57 -14.00 15.38 31.84
C GLY B 57 -14.10 14.85 30.40
N PHE B 58 -13.00 14.40 29.82
CA PHE B 58 -13.00 13.84 28.47
C PHE B 58 -13.93 12.66 28.36
N ARG B 59 -14.87 12.74 27.45
CA ARG B 59 -15.78 11.61 27.17
C ARG B 59 -15.67 11.29 25.68
N VAL B 60 -15.33 10.04 25.35
CA VAL B 60 -15.22 9.67 23.96
C VAL B 60 -16.58 9.77 23.28
N GLN B 61 -16.64 10.55 22.21
CA GLN B 61 -17.82 10.62 21.39
C GLN B 61 -17.72 9.56 20.30
N LYS B 62 -16.54 9.45 19.70
CA LYS B 62 -16.35 8.65 18.51
C LYS B 62 -14.86 8.42 18.37
N VAL B 63 -14.49 7.24 17.88
CA VAL B 63 -13.14 6.99 17.37
C VAL B 63 -13.16 7.53 15.92
N LEU B 64 -12.46 8.61 15.67
CA LEU B 64 -12.45 9.19 14.34
C LEU B 64 -11.70 8.27 13.38
N ARG B 65 -10.57 7.75 13.85
CA ARG B 65 -9.78 6.80 13.07
C ARG B 65 -8.86 6.04 14.01
N GLU B 66 -8.66 4.76 13.76
CA GLU B 66 -7.61 4.05 14.46
C GLU B 66 -6.95 3.10 13.48
N SER B 67 -5.72 2.75 13.77
CA SER B 67 -5.00 1.79 12.95
C SER B 67 -4.18 0.91 13.83
N ALA B 68 -4.50 -0.37 13.79
CA ALA B 68 -3.69 -1.37 14.42
C ALA B 68 -2.37 -1.57 13.70
N ARG B 69 -2.38 -1.38 12.39
CA ARG B 69 -1.15 -1.48 11.63
C ARG B 69 -0.16 -0.40 12.07
N ASP B 70 -0.64 0.84 12.15
CA ASP B 70 0.17 2.00 12.38
C ASP B 70 0.28 2.43 13.87
N LYS B 71 -0.52 1.80 14.72
CA LYS B 71 -0.52 2.02 16.15
C LYS B 71 -0.81 3.47 16.47
N ILE B 72 -1.95 3.90 15.98
CA ILE B 72 -2.40 5.29 16.17
C ILE B 72 -3.88 5.27 16.38
N ILE B 73 -4.37 6.24 17.18
CA ILE B 73 -5.77 6.36 17.42
C ILE B 73 -6.07 7.86 17.51
N PHE B 74 -7.16 8.25 16.90
CA PHE B 74 -7.66 9.62 16.84
C PHE B 74 -9.05 9.62 17.48
N LEU B 75 -9.21 10.35 18.60
CA LEU B 75 -10.44 10.32 19.35
C LEU B 75 -11.12 11.69 19.33
N HIS B 76 -12.41 11.69 19.13
CA HIS B 76 -13.25 12.86 19.34
C HIS B 76 -13.93 12.72 20.71
N GLY B 77 -13.64 13.68 21.60
CA GLY B 77 -14.19 13.70 22.93
C GLY B 77 -14.98 14.96 23.14
N LYS B 78 -15.92 14.89 24.07
CA LYS B 78 -16.55 16.07 24.65
C LYS B 78 -15.84 16.31 25.95
N VAL B 79 -15.66 17.58 26.32
CA VAL B 79 -14.89 17.95 27.49
C VAL B 79 -15.61 19.08 28.23
N ASN B 80 -15.18 19.34 29.45
CA ASN B 80 -15.69 20.46 30.28
C ASN B 80 -17.22 20.56 30.35
N GLU B 81 -17.90 19.43 30.51
CA GLU B 81 -19.39 19.45 30.81
C GLU B 81 -19.64 19.87 32.27
N GLU B 89 -17.82 21.20 25.12
CA GLU B 89 -16.93 21.49 24.00
C GLU B 89 -16.31 20.22 23.42
N ASP B 90 -15.87 20.31 22.17
CA ASP B 90 -15.22 19.22 21.51
C ASP B 90 -13.68 19.34 21.58
N ALA B 91 -13.04 18.19 21.66
CA ALA B 91 -11.63 18.09 21.59
C ALA B 91 -11.25 16.87 20.75
N VAL B 92 -10.09 16.94 20.13
CA VAL B 92 -9.51 15.75 19.51
C VAL B 92 -8.26 15.40 20.23
N VAL B 93 -8.10 14.11 20.52
CA VAL B 93 -6.89 13.60 21.12
C VAL B 93 -6.35 12.49 20.26
N ILE B 94 -5.08 12.59 19.92
CA ILE B 94 -4.43 11.66 19.05
C ILE B 94 -3.31 11.04 19.81
N LEU B 95 -3.28 9.71 19.91
CA LEU B 95 -2.13 8.99 20.49
C LEU B 95 -1.48 8.15 19.45
N GLU B 96 -0.16 8.16 19.46
CA GLU B 96 0.62 7.40 18.49
C GLU B 96 1.84 6.73 19.16
N LYS B 97 1.96 5.41 19.02
CA LYS B 97 3.16 4.73 19.49
C LYS B 97 4.30 5.21 18.62
N THR B 98 5.47 5.36 19.22
CA THR B 98 6.65 5.85 18.49
C THR B 98 7.39 4.69 17.80
N PRO B 99 8.03 4.96 16.68
CA PRO B 99 8.94 3.98 16.09
C PRO B 99 10.09 3.64 17.01
N PHE B 100 10.62 2.45 16.81
CA PHE B 100 11.80 2.03 17.54
C PHE B 100 13.01 2.79 17.06
N GLN B 101 13.90 3.10 17.99
CA GLN B 101 15.15 3.73 17.67
C GLN B 101 16.23 2.71 17.90
N VAL B 102 16.99 2.42 16.87
CA VAL B 102 18.06 1.40 16.94
C VAL B 102 18.95 1.52 18.19
N GLU B 103 19.24 2.74 18.60
CA GLU B 103 20.19 2.97 19.68
C GLU B 103 19.64 2.61 21.05
N HIS B 104 18.35 2.33 21.18
CA HIS B 104 17.78 1.96 22.48
C HIS B 104 17.35 0.51 22.61
N VAL B 105 17.36 -0.25 21.52
CA VAL B 105 16.76 -1.56 21.58
C VAL B 105 17.61 -2.50 22.42
N ALA B 106 18.93 -2.40 22.36
CA ALA B 106 19.73 -3.28 23.19
C ALA B 106 19.42 -2.98 24.65
N GLN B 107 19.23 -1.72 25.00
CA GLN B 107 18.94 -1.45 26.39
C GLN B 107 17.51 -1.94 26.73
N LEU B 108 16.61 -2.01 25.75
CA LEU B 108 15.31 -2.60 26.03
C LEU B 108 15.42 -4.07 26.41
N LEU B 109 16.44 -4.74 25.87
CA LEU B 109 16.52 -6.19 25.97
C LEU B 109 17.57 -6.71 26.90
N THR B 110 18.46 -5.82 27.33
CA THR B 110 19.53 -6.23 28.17
C THR B 110 19.22 -5.89 29.57
N GLY B 111 20.05 -6.45 30.42
CA GLY B 111 19.87 -6.37 31.82
C GLY B 111 18.83 -7.43 32.06
N SER B 112 17.84 -7.00 32.84
CA SER B 112 16.78 -7.83 33.28
C SER B 112 15.51 -7.05 32.96
N PRO B 113 15.14 -7.05 31.69
CA PRO B 113 13.91 -6.42 31.26
C PRO B 113 12.71 -7.10 31.90
N GLU B 114 11.68 -6.32 32.14
CA GLU B 114 10.47 -6.83 32.74
C GLU B 114 9.65 -7.52 31.68
N LEU B 115 9.44 -8.82 31.88
CA LEU B 115 8.81 -9.64 30.87
C LEU B 115 7.71 -10.49 31.44
N LYS B 116 6.77 -10.83 30.59
CA LYS B 116 5.74 -11.81 30.87
C LYS B 116 5.76 -12.73 29.68
N LEU B 117 5.93 -14.03 29.95
CA LEU B 117 5.95 -15.00 28.87
C LEU B 117 4.54 -15.29 28.44
N GLN B 118 4.31 -15.28 27.13
CA GLN B 118 3.00 -15.50 26.55
C GLN B 118 2.94 -16.84 25.88
N PHE B 119 3.98 -17.21 25.15
CA PHE B 119 4.04 -18.47 24.43
C PHE B 119 5.47 -18.94 24.24
N SER B 120 5.69 -20.25 24.32
CA SER B 120 6.94 -20.84 23.85
C SER B 120 6.79 -22.28 23.31
N ASN B 121 7.24 -22.47 22.08
CA ASN B 121 7.51 -23.80 21.53
C ASN B 121 9.04 -24.02 21.54
N ASP B 122 9.54 -24.99 20.76
CA ASP B 122 10.97 -25.34 20.72
C ASP B 122 11.95 -24.15 20.59
N ILE B 123 11.87 -23.38 19.50
CA ILE B 123 12.80 -22.23 19.34
C ILE B 123 12.16 -20.84 19.42
N TYR B 124 10.85 -20.76 19.19
CA TYR B 124 10.10 -19.48 19.13
C TYR B 124 9.36 -19.22 20.44
N SER B 125 9.56 -18.04 21.00
CA SER B 125 8.76 -17.62 22.13
C SER B 125 8.34 -16.18 21.96
N THR B 126 7.27 -15.83 22.64
CA THR B 126 6.69 -14.48 22.58
C THR B 126 6.45 -13.99 24.00
N TYR B 127 6.80 -12.73 24.25
CA TYR B 127 6.65 -12.10 25.53
C TYR B 127 5.90 -10.81 25.37
N ASN B 128 5.38 -10.33 26.49
CA ASN B 128 5.18 -8.91 26.69
C ASN B 128 6.37 -8.36 27.41
N LEU B 129 6.97 -7.33 26.84
CA LEU B 129 8.04 -6.58 27.45
C LEU B 129 7.44 -5.30 27.95
N PHE B 130 7.76 -4.96 29.20
CA PHE B 130 7.27 -3.76 29.86
C PHE B 130 8.40 -2.78 30.03
N PRO B 131 8.51 -1.82 29.10
CA PRO B 131 9.63 -0.91 29.11
C PRO B 131 9.65 -0.01 30.32
N PRO B 132 10.86 0.44 30.68
CA PRO B 132 10.98 1.41 31.74
C PRO B 132 10.38 2.74 31.25
N ARG B 133 10.18 3.65 32.19
CA ARG B 133 9.42 4.86 31.91
C ARG B 133 10.02 5.63 30.76
N HIS B 134 11.34 5.79 30.78
CA HIS B 134 12.01 6.65 29.82
C HIS B 134 12.05 6.03 28.43
N LEU B 135 11.65 4.78 28.31
CA LEU B 135 11.55 4.11 27.02
C LEU B 135 10.08 3.70 26.76
N SER B 136 9.11 4.44 27.32
CA SER B 136 7.69 4.05 27.24
C SER B 136 6.76 5.07 26.58
N ASP B 137 7.32 6.23 26.23
CA ASP B 137 6.47 7.37 25.92
C ASP B 137 5.67 7.23 24.62
N ILE B 138 4.54 7.92 24.59
CA ILE B 138 3.60 7.88 23.51
C ILE B 138 3.45 9.33 23.05
N LYS B 139 3.45 9.52 21.73
CA LYS B 139 3.25 10.85 21.14
C LYS B 139 1.77 11.20 21.20
N THR B 140 1.46 12.34 21.83
CA THR B 140 0.11 12.73 22.16
C THR B 140 -0.14 14.12 21.65
N THR B 141 -1.22 14.26 20.89
CA THR B 141 -1.55 15.52 20.24
C THR B 141 -2.99 15.86 20.66
N VAL B 142 -3.22 17.11 21.07
CA VAL B 142 -4.52 17.54 21.54
C VAL B 142 -4.95 18.77 20.74
N VAL B 143 -6.13 18.71 20.18
CA VAL B 143 -6.73 19.85 19.54
C VAL B 143 -7.92 20.26 20.37
N TYR B 144 -7.84 21.45 20.93
CA TYR B 144 -8.89 21.92 21.82
C TYR B 144 -8.96 23.46 21.84
N PRO B 145 -10.14 24.07 21.57
CA PRO B 145 -11.37 23.42 21.16
C PRO B 145 -11.27 23.00 19.72
N ALA B 146 -11.85 21.85 19.44
CA ALA B 146 -11.90 21.30 18.11
C ALA B 146 -13.18 21.74 17.43
N THR B 147 -13.08 22.02 16.13
CA THR B 147 -14.21 22.44 15.34
C THR B 147 -14.69 21.27 14.49
N GLU B 148 -15.77 21.52 13.76
CA GLU B 148 -16.22 20.56 12.79
C GLU B 148 -15.12 20.22 11.78
N LYS B 149 -14.43 21.24 11.31
CA LYS B 149 -13.31 21.09 10.38
C LYS B 149 -12.27 20.10 10.88
N HIS B 150 -11.90 20.25 12.15
CA HIS B 150 -10.92 19.35 12.72
C HIS B 150 -11.47 17.93 12.73
N LEU B 151 -12.71 17.79 13.17
CA LEU B 151 -13.31 16.45 13.23
C LEU B 151 -13.32 15.80 11.85
N GLN B 152 -13.70 16.56 10.84
CA GLN B 152 -13.67 16.02 9.45
C GLN B 152 -12.26 15.70 8.94
N LYS B 153 -11.30 16.54 9.31
CA LYS B 153 -9.94 16.30 8.96
C LYS B 153 -9.46 14.91 9.43
N TYR B 154 -9.75 14.57 10.68
CA TYR B 154 -9.22 13.35 11.26
C TYR B 154 -10.06 12.11 11.09
N MET B 155 -11.32 12.27 10.76
CA MET B 155 -12.20 11.16 10.49
C MET B 155 -11.62 10.24 9.41
N ARG B 156 -11.78 8.94 9.63
CA ARG B 156 -11.35 7.98 8.62
C ARG B 156 -12.08 8.22 7.31
N GLN B 157 -11.37 8.01 6.22
CA GLN B 157 -11.95 8.23 4.90
C GLN B 157 -12.96 7.13 4.60
N ASP B 158 -14.02 7.51 3.92
CA ASP B 158 -15.04 6.56 3.51
C ASP B 158 -15.11 6.61 1.99
N LEU B 159 -14.50 5.63 1.33
CA LEU B 159 -14.26 5.72 -0.11
C LEU B 159 -15.24 4.80 -0.87
N ARG B 160 -15.51 5.19 -2.12
CA ARG B 160 -16.24 4.33 -3.08
C ARG B 160 -15.45 4.28 -4.37
N LEU B 161 -15.47 3.11 -5.01
CA LEU B 161 -14.82 2.96 -6.31
C LEU B 161 -15.75 3.48 -7.39
N ILE B 162 -15.18 4.18 -8.36
CA ILE B 162 -15.88 4.68 -9.53
C ILE B 162 -15.16 4.07 -10.73
N ARG B 163 -15.92 3.57 -11.68
CA ARG B 163 -15.39 3.14 -12.95
C ARG B 163 -15.87 4.16 -13.97
N GLU B 164 -15.00 5.10 -14.29
CA GLU B 164 -15.33 6.21 -15.11
C GLU B 164 -15.10 5.87 -16.58
N THR B 165 -16.17 5.72 -17.34
CA THR B 165 -16.03 5.46 -18.77
C THR B 165 -15.52 6.69 -19.48
N GLY B 166 -15.11 6.54 -20.73
CA GLY B 166 -14.66 7.70 -21.44
C GLY B 166 -15.78 8.68 -21.60
N ASP B 167 -17.03 8.21 -21.79
CA ASP B 167 -18.17 9.13 -21.86
C ASP B 167 -18.48 9.78 -20.52
N ASP B 168 -18.40 9.06 -19.41
CA ASP B 168 -18.52 9.69 -18.06
C ASP B 168 -17.53 10.81 -17.94
N TYR B 169 -16.32 10.59 -18.41
CA TYR B 169 -15.30 11.60 -18.25
C TYR B 169 -15.67 12.83 -19.06
N ARG B 170 -15.96 12.63 -20.33
CA ARG B 170 -16.22 13.80 -21.15
C ARG B 170 -17.51 14.52 -20.78
N THR B 171 -18.52 13.81 -20.28
CA THR B 171 -19.83 14.41 -20.03
C THR B 171 -19.98 14.93 -18.61
N ILE B 172 -19.29 14.33 -17.66
CA ILE B 172 -19.48 14.65 -16.24
C ILE B 172 -18.20 15.24 -15.65
N THR B 173 -17.17 14.45 -15.72
CA THR B 173 -15.92 14.81 -15.01
C THR B 173 -15.29 16.04 -15.56
N LEU B 174 -15.12 16.07 -16.87
CA LEU B 174 -14.42 17.18 -17.52
C LEU B 174 -15.15 18.53 -17.29
N PRO B 175 -16.45 18.63 -17.55
CA PRO B 175 -17.16 19.91 -17.26
C PRO B 175 -17.01 20.32 -15.81
N TYR B 176 -17.03 19.36 -14.90
CA TYR B 176 -16.73 19.69 -13.47
C TYR B 176 -15.36 20.30 -13.30
N LEU B 177 -14.33 19.61 -13.81
CA LEU B 177 -12.97 20.11 -13.73
C LEU B 177 -12.80 21.48 -14.38
N GLU B 178 -13.41 21.68 -15.56
CA GLU B 178 -13.37 23.00 -16.22
C GLU B 178 -13.95 24.14 -15.37
N SER B 179 -14.85 23.81 -14.46
CA SER B 179 -15.47 24.81 -13.57
C SER B 179 -14.58 25.22 -12.35
N GLN B 180 -13.48 24.50 -12.13
CA GLN B 180 -12.62 24.67 -10.96
C GLN B 180 -11.31 25.32 -11.35
N SER B 181 -10.87 26.31 -10.57
CA SER B 181 -9.53 26.83 -10.75
C SER B 181 -8.58 25.71 -10.35
N LEU B 182 -7.45 25.55 -11.03
N LEU B 182 -7.46 25.61 -11.08
CA LEU B 182 -6.57 24.42 -10.67
CA LEU B 182 -6.46 24.56 -10.86
C LEU B 182 -5.62 24.73 -9.52
C LEU B 182 -5.64 24.76 -9.59
N SER B 183 -5.42 26.01 -9.24
CA SER B 183 -4.61 26.44 -8.08
C SER B 183 -3.28 25.80 -8.10
N ILE B 184 -2.60 26.00 -9.23
CA ILE B 184 -1.28 25.43 -9.41
C ILE B 184 -0.23 26.45 -9.68
N GLN B 185 -0.40 27.67 -9.16
CA GLN B 185 0.68 28.62 -9.27
C GLN B 185 1.91 28.14 -8.57
N TRP B 186 1.74 27.35 -7.50
CA TRP B 186 2.92 26.83 -6.80
C TRP B 186 3.72 25.89 -7.72
N VAL B 187 3.00 25.15 -8.56
CA VAL B 187 3.64 24.29 -9.58
C VAL B 187 4.43 25.15 -10.55
N TYR B 188 3.77 26.15 -11.10
CA TYR B 188 4.41 27.11 -12.01
C TYR B 188 5.63 27.77 -11.40
N ASN B 189 5.55 28.07 -10.13
CA ASN B 189 6.69 28.69 -9.45
C ASN B 189 7.87 27.78 -9.42
N ILE B 190 7.63 26.48 -9.25
CA ILE B 190 8.77 25.55 -9.30
C ILE B 190 9.30 25.48 -10.70
N LEU B 191 8.41 25.39 -11.70
CA LEU B 191 8.86 25.28 -13.08
C LEU B 191 9.68 26.48 -13.53
N ASP B 192 9.25 27.63 -13.01
CA ASP B 192 9.81 28.94 -13.35
C ASP B 192 10.98 29.34 -12.48
N LYS B 193 11.40 28.49 -11.55
CA LYS B 193 12.52 28.71 -10.60
C LYS B 193 12.23 29.84 -9.63
N LYS B 194 10.97 30.09 -9.36
CA LYS B 194 10.57 31.13 -8.39
C LYS B 194 10.44 30.54 -7.01
N ALA B 195 10.32 29.21 -6.91
CA ALA B 195 10.26 28.53 -5.65
C ALA B 195 10.99 27.19 -5.75
N GLU B 196 11.70 26.77 -4.68
CA GLU B 196 12.25 25.40 -4.58
C GLU B 196 13.38 25.10 -5.52
N ALA B 197 13.89 26.11 -6.22
CA ALA B 197 14.92 25.85 -7.21
C ALA B 197 16.08 25.01 -6.71
N ASP B 198 16.54 25.28 -5.48
CA ASP B 198 17.69 24.56 -4.97
C ASP B 198 17.40 23.11 -4.67
N ARG B 199 16.12 22.75 -4.64
CA ARG B 199 15.72 21.36 -4.38
C ARG B 199 15.64 20.50 -5.63
N ILE B 200 15.65 21.12 -6.78
CA ILE B 200 15.58 20.38 -8.03
C ILE B 200 16.83 19.53 -8.19
N VAL B 201 16.62 18.26 -8.47
CA VAL B 201 17.69 17.28 -8.58
C VAL B 201 18.11 17.09 -10.05
N PHE B 202 17.17 17.29 -10.95
CA PHE B 202 17.38 17.19 -12.38
C PHE B 202 16.37 18.02 -13.14
N GLU B 203 16.84 18.61 -14.22
CA GLU B 203 15.95 19.30 -15.10
C GLU B 203 16.29 19.03 -16.56
N ASN B 204 15.25 18.72 -17.33
CA ASN B 204 15.32 18.78 -18.77
C ASN B 204 14.53 20.03 -19.10
N PRO B 205 15.22 21.06 -19.56
CA PRO B 205 14.57 22.36 -19.68
C PRO B 205 13.73 22.55 -20.95
N ASP B 206 13.64 21.54 -21.79
CA ASP B 206 12.80 21.56 -22.97
C ASP B 206 11.34 21.89 -22.59
N PRO B 207 10.78 22.98 -23.13
CA PRO B 207 9.43 23.42 -22.75
C PRO B 207 8.26 22.59 -23.24
N SER B 208 8.55 21.70 -24.20
CA SER B 208 7.56 20.76 -24.70
C SER B 208 7.67 19.44 -24.03
N ASP B 209 8.89 18.88 -24.04
CA ASP B 209 9.13 17.53 -23.61
C ASP B 209 10.00 17.36 -22.44
N GLY B 210 10.20 18.44 -21.67
CA GLY B 210 11.03 18.40 -20.51
C GLY B 210 10.27 18.49 -19.20
N PHE B 211 11.05 18.53 -18.13
CA PHE B 211 10.49 18.38 -16.81
C PHE B 211 11.52 18.74 -15.78
N VAL B 212 11.04 18.95 -14.57
CA VAL B 212 11.91 19.00 -13.43
C VAL B 212 11.63 17.85 -12.46
N LEU B 213 12.68 17.38 -11.80
CA LEU B 213 12.63 16.26 -10.88
C LEU B 213 12.96 16.83 -9.49
N ILE B 214 12.00 16.71 -8.57
CA ILE B 214 12.19 17.26 -7.24
C ILE B 214 11.84 16.25 -6.15
N PRO B 215 12.64 16.11 -5.09
CA PRO B 215 12.28 15.18 -3.99
C PRO B 215 11.06 15.63 -3.27
N ASP B 216 10.30 14.66 -2.75
CA ASP B 216 9.20 15.00 -1.88
C ASP B 216 9.79 15.67 -0.63
N LEU B 217 9.15 16.73 -0.17
CA LEU B 217 9.68 17.51 0.94
C LEU B 217 9.79 16.72 2.25
N LYS B 218 8.83 15.84 2.49
CA LYS B 218 8.83 14.97 3.67
C LYS B 218 9.80 13.82 3.62
N TRP B 219 10.44 13.55 2.49
CA TRP B 219 11.33 12.43 2.42
C TRP B 219 12.65 12.73 3.23
N ASN B 220 12.98 11.91 4.25
CA ASN B 220 14.37 11.92 4.88
C ASN B 220 15.30 11.08 4.04
N GLN B 221 16.15 11.78 3.29
CA GLN B 221 16.98 11.22 2.27
C GLN B 221 18.12 10.36 2.83
N GLN B 222 18.21 10.24 4.16
CA GLN B 222 19.10 9.24 4.78
C GLN B 222 18.55 7.87 4.57
N GLN B 223 17.27 7.79 4.22
CA GLN B 223 16.61 6.49 4.21
C GLN B 223 16.17 6.28 2.78
N LEU B 224 16.96 5.56 2.00
CA LEU B 224 16.61 5.33 0.60
C LEU B 224 15.37 4.46 0.46
N ASP B 225 15.06 3.75 1.53
N ASP B 225 15.00 3.70 1.49
CA ASP B 225 13.87 2.92 1.65
CA ASP B 225 13.82 2.84 1.40
C ASP B 225 12.60 3.67 1.31
C ASP B 225 12.51 3.66 1.38
N ASP B 226 12.60 4.96 1.63
CA ASP B 226 11.48 5.85 1.53
C ASP B 226 11.60 6.80 0.31
N LEU B 227 12.44 6.45 -0.63
CA LEU B 227 12.74 7.35 -1.75
C LEU B 227 11.45 7.76 -2.43
N TYR B 228 11.32 9.06 -2.65
CA TYR B 228 10.16 9.64 -3.29
C TYR B 228 10.52 10.97 -3.95
N LEU B 229 10.52 10.99 -5.27
CA LEU B 229 10.69 12.18 -6.06
C LEU B 229 9.53 12.30 -7.03
N ILE B 230 9.29 13.53 -7.46
CA ILE B 230 8.25 13.85 -8.38
C ILE B 230 8.82 14.54 -9.62
N ALA B 231 8.43 14.05 -10.80
CA ALA B 231 8.69 14.79 -12.02
C ALA B 231 7.49 15.61 -12.42
N ILE B 232 7.71 16.90 -12.62
CA ILE B 232 6.69 17.79 -13.07
C ILE B 232 7.04 18.27 -14.47
N CYS B 233 6.15 18.10 -15.44
CA CYS B 233 6.49 18.53 -16.79
C CYS B 233 6.46 20.07 -16.95
N HIS B 234 7.30 20.59 -17.84
CA HIS B 234 7.24 21.99 -18.21
C HIS B 234 6.01 22.38 -18.96
N ARG B 235 5.53 21.52 -19.84
CA ARG B 235 4.37 21.83 -20.63
C ARG B 235 3.15 22.03 -19.81
N ARG B 236 2.41 23.09 -20.10
CA ARG B 236 1.24 23.41 -19.31
C ARG B 236 0.02 22.80 -20.00
N GLY B 237 -1.03 22.59 -19.20
CA GLY B 237 -2.35 22.20 -19.66
C GLY B 237 -2.63 20.74 -19.73
N ILE B 238 -1.73 19.91 -19.26
CA ILE B 238 -1.94 18.46 -19.33
C ILE B 238 -2.46 18.13 -17.96
N ARG B 239 -3.77 17.93 -17.87
N ARG B 239 -3.76 17.91 -17.83
CA ARG B 239 -4.45 17.82 -16.59
CA ARG B 239 -4.35 17.87 -16.50
C ARG B 239 -4.14 16.52 -15.86
C ARG B 239 -4.26 16.51 -15.83
N SER B 240 -4.20 15.44 -16.61
CA SER B 240 -4.22 14.12 -16.08
C SER B 240 -4.03 13.15 -17.23
N LEU B 241 -4.08 11.86 -16.88
CA LEU B 241 -4.02 10.79 -17.90
C LEU B 241 -5.00 11.05 -19.02
N ARG B 242 -6.15 11.63 -18.70
CA ARG B 242 -7.20 11.81 -19.72
C ARG B 242 -6.79 12.69 -20.89
N ASP B 243 -5.80 13.55 -20.68
CA ASP B 243 -5.33 14.43 -21.71
C ASP B 243 -4.24 13.83 -22.57
N LEU B 244 -3.76 12.65 -22.21
CA LEU B 244 -2.59 12.07 -22.84
C LEU B 244 -2.95 11.51 -24.22
N THR B 245 -2.16 11.91 -25.18
CA THR B 245 -2.26 11.40 -26.53
C THR B 245 -0.83 11.06 -26.98
N PRO B 246 -0.67 10.49 -28.17
CA PRO B 246 0.70 10.24 -28.66
C PRO B 246 1.57 11.48 -28.72
N GLU B 247 0.96 12.68 -28.77
CA GLU B 247 1.67 13.98 -28.59
C GLU B 247 2.55 14.01 -27.34
N HIS B 248 2.15 13.28 -26.32
CA HIS B 248 2.82 13.32 -25.05
C HIS B 248 3.80 12.21 -24.87
N LEU B 249 3.90 11.32 -25.85
CA LEU B 249 4.80 10.20 -25.68
C LEU B 249 6.24 10.63 -25.43
N PRO B 250 6.74 11.61 -26.21
CA PRO B 250 8.12 12.04 -26.04
C PRO B 250 8.41 12.55 -24.62
N LEU B 251 7.46 13.30 -24.05
CA LEU B 251 7.55 13.81 -22.70
C LEU B 251 7.58 12.62 -21.72
N LEU B 252 6.64 11.69 -21.90
CA LEU B 252 6.54 10.53 -20.99
C LEU B 252 7.83 9.71 -21.05
N ARG B 253 8.34 9.49 -22.26
CA ARG B 253 9.55 8.70 -22.42
C ARG B 253 10.72 9.42 -21.77
N ASN B 254 10.80 10.74 -21.91
CA ASN B 254 11.92 11.49 -21.32
C ASN B 254 11.87 11.42 -19.79
N ILE B 255 10.65 11.54 -19.24
CA ILE B 255 10.50 11.45 -17.81
C ILE B 255 11.03 10.13 -17.31
N LEU B 256 10.60 9.04 -17.95
CA LEU B 256 11.02 7.71 -17.51
C LEU B 256 12.51 7.53 -17.59
N ARG B 257 13.07 7.86 -18.76
CA ARG B 257 14.47 7.66 -19.02
C ARG B 257 15.36 8.55 -18.22
N GLU B 258 15.15 9.85 -18.35
CA GLU B 258 15.97 10.82 -17.66
C GLU B 258 15.76 10.86 -16.14
N GLY B 259 14.54 10.61 -15.71
CA GLY B 259 14.29 10.50 -14.26
C GLY B 259 15.00 9.34 -13.64
N GLN B 260 14.92 8.19 -14.27
CA GLN B 260 15.69 7.06 -13.73
C GLN B 260 17.19 7.35 -13.74
N GLU B 261 17.67 7.90 -14.86
CA GLU B 261 19.12 8.21 -14.97
C GLU B 261 19.55 9.12 -13.84
N ALA B 262 18.75 10.13 -13.57
CA ALA B 262 19.08 11.13 -12.60
C ALA B 262 19.12 10.54 -11.18
N ILE B 263 18.18 9.66 -10.89
CA ILE B 263 18.16 8.99 -9.63
C ILE B 263 19.32 7.97 -9.45
N LEU B 264 19.70 7.27 -10.51
CA LEU B 264 20.90 6.40 -10.49
C LEU B 264 22.13 7.27 -10.17
N LYS B 265 22.25 8.41 -10.85
CA LYS B 265 23.42 9.26 -10.64
C LYS B 265 23.50 9.80 -9.18
N ARG B 266 22.38 10.28 -8.67
CA ARG B 266 22.36 10.95 -7.38
C ARG B 266 22.35 10.01 -6.22
N TYR B 267 21.60 8.91 -6.30
CA TYR B 267 21.37 8.03 -5.20
C TYR B 267 21.89 6.64 -5.32
N GLN B 268 22.41 6.32 -6.51
N GLN B 268 22.44 6.29 -6.49
CA GLN B 268 22.93 5.02 -6.82
CA GLN B 268 22.96 4.94 -6.81
C GLN B 268 21.81 3.99 -6.57
C GLN B 268 21.83 3.88 -6.85
N VAL B 269 20.60 4.35 -7.02
CA VAL B 269 19.44 3.46 -7.03
C VAL B 269 19.08 3.17 -8.49
N THR B 270 19.14 1.90 -8.89
CA THR B 270 18.85 1.52 -10.27
C THR B 270 17.34 1.54 -10.54
N GLY B 271 17.02 1.63 -11.81
CA GLY B 271 15.63 1.83 -12.23
C GLY B 271 14.72 0.72 -11.84
N ASP B 272 15.26 -0.50 -11.78
CA ASP B 272 14.48 -1.65 -11.39
C ASP B 272 14.19 -1.69 -9.90
N ARG B 273 14.69 -0.72 -9.14
CA ARG B 273 14.31 -0.58 -7.75
C ARG B 273 13.27 0.51 -7.53
N LEU B 274 12.70 1.03 -8.61
CA LEU B 274 11.80 2.17 -8.54
C LEU B 274 10.41 1.79 -9.05
N ARG B 275 9.40 2.27 -8.36
CA ARG B 275 8.04 2.24 -8.86
C ARG B 275 7.77 3.64 -9.40
N VAL B 276 7.52 3.74 -10.68
CA VAL B 276 7.37 5.06 -11.37
C VAL B 276 5.96 5.12 -11.98
N TYR B 277 5.15 6.05 -11.50
CA TYR B 277 3.74 6.03 -11.75
C TYR B 277 3.08 7.36 -11.67
N LEU B 278 1.87 7.42 -12.26
CA LEU B 278 1.02 8.59 -12.19
C LEU B 278 -0.17 8.19 -11.36
N HIS B 279 -0.80 9.19 -10.77
CA HIS B 279 -2.05 8.98 -10.11
C HIS B 279 -3.22 9.35 -10.99
N TYR B 280 -4.29 8.60 -10.86
CA TYR B 280 -5.59 9.03 -11.34
C TYR B 280 -6.65 8.60 -10.29
N LEU B 281 -7.38 9.57 -9.69
CA LEU B 281 -7.28 11.00 -10.01
C LEU B 281 -6.01 11.59 -9.39
N PRO B 282 -5.40 12.59 -10.02
CA PRO B 282 -4.21 13.17 -9.48
C PRO B 282 -4.52 14.16 -8.38
N SER B 283 -3.56 14.45 -7.52
CA SER B 283 -3.83 15.39 -6.43
C SER B 283 -3.93 16.82 -6.88
N TYR B 284 -3.26 17.13 -7.97
CA TYR B 284 -3.44 18.36 -8.69
C TYR B 284 -3.37 18.11 -10.17
N TYR B 285 -3.94 19.04 -10.90
CA TYR B 285 -4.22 18.81 -12.35
C TYR B 285 -3.21 19.45 -13.24
N HIS B 286 -1.97 19.05 -13.02
CA HIS B 286 -0.86 19.34 -13.91
C HIS B 286 -0.05 18.08 -13.85
N LEU B 287 0.13 17.45 -15.01
CA LEU B 287 0.79 16.15 -15.06
C LEU B 287 2.06 16.04 -14.29
N HIS B 288 2.14 15.03 -13.45
CA HIS B 288 3.35 14.76 -12.72
C HIS B 288 3.50 13.28 -12.50
N VAL B 289 4.71 12.87 -12.25
CA VAL B 289 5.02 11.43 -12.13
C VAL B 289 5.73 11.18 -10.84
N HIS B 290 5.31 10.12 -10.15
CA HIS B 290 5.94 9.73 -8.86
C HIS B 290 6.99 8.67 -9.04
N PHE B 291 8.17 8.89 -8.47
CA PHE B 291 9.29 7.96 -8.51
C PHE B 291 9.48 7.53 -7.09
N THR B 292 9.17 6.28 -6.77
CA THR B 292 9.30 5.80 -5.38
C THR B 292 10.09 4.51 -5.30
N ALA B 293 10.69 4.29 -4.13
CA ALA B 293 11.38 3.02 -3.86
C ALA B 293 10.35 1.93 -3.96
N LEU B 294 10.71 0.86 -4.62
CA LEU B 294 9.81 -0.27 -4.76
C LEU B 294 9.39 -0.81 -3.36
N GLY B 295 10.27 -0.72 -2.38
CA GLY B 295 9.90 -1.08 -1.00
C GLY B 295 9.12 -0.09 -0.16
N PHE B 296 8.77 1.06 -0.72
CA PHE B 296 8.04 2.07 -0.03
C PHE B 296 6.59 1.89 -0.52
N GLU B 297 5.66 1.56 0.35
CA GLU B 297 4.24 1.63 0.01
C GLU B 297 3.81 3.09 -0.09
N ALA B 298 4.22 3.70 -1.20
CA ALA B 298 4.13 5.14 -1.37
C ALA B 298 2.67 5.60 -1.48
N PRO B 299 2.44 6.91 -1.35
CA PRO B 299 1.10 7.46 -1.47
C PRO B 299 0.49 7.09 -2.81
N GLY B 300 -0.64 6.40 -2.70
CA GLY B 300 -1.46 6.10 -3.85
C GLY B 300 -0.75 5.14 -4.79
N SER B 301 0.04 4.22 -4.28
CA SER B 301 0.62 3.19 -5.18
C SER B 301 -0.28 1.98 -5.39
N GLY B 302 -1.46 1.96 -4.76
CA GLY B 302 -2.44 0.91 -4.98
C GLY B 302 -2.93 0.90 -6.40
N VAL B 303 -3.39 -0.26 -6.84
CA VAL B 303 -3.90 -0.42 -8.21
C VAL B 303 -5.08 0.52 -8.55
N GLU B 304 -5.88 0.89 -7.55
CA GLU B 304 -6.99 1.82 -7.79
C GLU B 304 -6.61 3.30 -7.93
N ARG B 305 -5.30 3.63 -7.92
CA ARG B 305 -4.90 5.00 -8.20
C ARG B 305 -3.64 5.12 -9.07
N ALA B 306 -2.71 4.19 -8.94
CA ALA B 306 -1.39 4.29 -9.59
C ALA B 306 -1.41 3.61 -10.98
N HIS B 307 -0.81 4.28 -11.94
CA HIS B 307 -0.58 3.79 -13.31
C HIS B 307 0.89 3.86 -13.60
N LEU B 308 1.52 2.72 -13.84
CA LEU B 308 2.96 2.71 -14.09
C LEU B 308 3.24 3.48 -15.37
N LEU B 309 4.22 4.36 -15.33
CA LEU B 309 4.59 5.15 -16.49
C LEU B 309 4.94 4.29 -17.71
N ALA B 310 5.71 3.24 -17.49
CA ALA B 310 6.09 2.37 -18.61
C ALA B 310 4.90 1.80 -19.29
N GLN B 311 3.87 1.45 -18.50
CA GLN B 311 2.67 0.88 -19.03
C GLN B 311 1.79 1.91 -19.71
N VAL B 312 1.74 3.13 -19.16
CA VAL B 312 1.07 4.27 -19.81
C VAL B 312 1.62 4.49 -21.19
N ILE B 313 2.95 4.51 -21.31
CA ILE B 313 3.58 4.70 -22.58
C ILE B 313 3.18 3.58 -23.52
N GLU B 314 3.22 2.35 -23.06
CA GLU B 314 2.92 1.24 -23.96
C GLU B 314 1.46 1.22 -24.37
N ASN B 315 0.60 1.58 -23.44
CA ASN B 315 -0.82 1.77 -23.72
C ASN B 315 -1.04 2.72 -24.88
N LEU B 316 -0.40 3.88 -24.81
CA LEU B 316 -0.48 4.86 -25.86
C LEU B 316 0.11 4.39 -27.15
N GLU B 317 1.16 3.58 -27.07
CA GLU B 317 1.79 3.06 -28.30
C GLU B 317 0.85 2.08 -28.97
N CYS B 318 0.13 1.33 -28.16
CA CYS B 318 -0.76 0.27 -28.67
C CYS B 318 -2.06 0.83 -29.17
N ASP B 319 -2.60 1.82 -28.48
CA ASP B 319 -3.84 2.44 -28.86
C ASP B 319 -3.78 3.89 -28.57
N PRO B 320 -3.65 4.71 -29.61
CA PRO B 320 -3.44 6.13 -29.40
C PRO B 320 -4.53 6.81 -28.60
N LYS B 321 -5.77 6.31 -28.66
CA LYS B 321 -6.88 6.98 -27.96
C LYS B 321 -7.24 6.31 -26.66
N HIS B 322 -6.37 5.45 -26.17
CA HIS B 322 -6.61 4.67 -24.98
C HIS B 322 -7.17 5.51 -23.85
N TYR B 323 -6.54 6.65 -23.58
CA TYR B 323 -6.90 7.40 -22.38
C TYR B 323 -8.15 8.26 -22.54
N GLN B 324 -8.62 8.44 -23.76
CA GLN B 324 -9.95 9.03 -23.94
C GLN B 324 -11.05 7.98 -24.02
N GLN B 325 -10.69 6.77 -24.43
CA GLN B 325 -11.69 5.74 -24.64
C GLN B 325 -11.93 4.77 -23.52
N ARG B 326 -10.90 4.43 -22.76
CA ARG B 326 -11.02 3.39 -21.77
C ARG B 326 -11.58 3.86 -20.47
N THR B 327 -12.15 2.92 -19.74
CA THR B 327 -12.69 3.19 -18.40
C THR B 327 -11.55 3.15 -17.43
N LEU B 328 -11.43 4.18 -16.62
CA LEU B 328 -10.41 4.22 -15.61
C LEU B 328 -11.11 4.05 -14.26
N THR B 329 -10.46 3.35 -13.35
CA THR B 329 -11.08 2.98 -12.06
C THR B 329 -10.33 3.69 -10.97
N PHE B 330 -11.07 4.39 -10.15
CA PHE B 330 -10.46 5.11 -9.05
C PHE B 330 -11.43 5.23 -7.89
N ALA B 331 -10.91 5.71 -6.76
CA ALA B 331 -11.71 5.88 -5.55
C ALA B 331 -11.92 7.34 -5.19
N LEU B 332 -13.12 7.67 -4.67
CA LEU B 332 -13.43 8.98 -4.19
C LEU B 332 -14.06 8.86 -2.83
N ARG B 333 -13.88 9.91 -2.03
CA ARG B 333 -14.60 10.03 -0.77
C ARG B 333 -16.10 10.17 -1.07
N THR B 334 -16.93 9.68 -0.17
CA THR B 334 -18.39 9.80 -0.38
C THR B 334 -18.85 11.27 -0.45
N ASP B 335 -18.13 12.17 0.18
CA ASP B 335 -18.49 13.59 0.14
C ASP B 335 -17.84 14.38 -0.99
N ASP B 336 -17.14 13.69 -1.88
CA ASP B 336 -16.51 14.34 -2.99
C ASP B 336 -17.60 14.79 -3.97
N PRO B 337 -17.62 16.06 -4.37
CA PRO B 337 -18.65 16.51 -5.31
C PRO B 337 -18.66 15.77 -6.63
N LEU B 338 -17.48 15.28 -7.02
CA LEU B 338 -17.40 14.46 -8.23
C LEU B 338 -18.09 13.13 -8.09
N LEU B 339 -18.05 12.53 -6.90
CA LEU B 339 -18.73 11.27 -6.70
C LEU B 339 -20.22 11.51 -6.79
N GLN B 340 -20.68 12.61 -6.21
CA GLN B 340 -22.10 12.97 -6.32
C GLN B 340 -22.51 13.04 -7.78
N LEU B 341 -21.73 13.76 -8.56
CA LEU B 341 -22.05 13.89 -10.00
C LEU B 341 -22.01 12.58 -10.77
N LEU B 342 -20.94 11.82 -10.57
CA LEU B 342 -20.76 10.57 -11.29
C LEU B 342 -21.78 9.53 -10.91
N GLN B 343 -22.00 9.35 -9.62
CA GLN B 343 -22.92 8.29 -9.20
C GLN B 343 -24.32 8.55 -9.69
N LYS B 344 -24.76 9.80 -9.59
CA LYS B 344 -26.13 10.09 -10.00
C LYS B 344 -26.23 9.88 -11.51
N ALA B 345 -25.24 10.34 -12.23
CA ALA B 345 -25.21 10.21 -13.71
C ALA B 345 -25.09 8.80 -14.22
N GLN B 346 -24.26 8.01 -13.59
CA GLN B 346 -24.08 6.64 -13.96
C GLN B 346 -25.33 5.86 -13.75
N GLN B 347 -26.06 6.23 -12.71
CA GLN B 347 -27.30 5.52 -12.42
C GLN B 347 -28.41 5.85 -13.37
N GLU B 348 -28.43 7.09 -13.85
CA GLU B 348 -29.40 7.51 -14.85
C GLU B 348 -29.12 6.78 -16.16
N ARG B 349 -27.85 6.59 -16.47
CA ARG B 349 -27.37 5.91 -17.69
C ARG B 349 -27.38 4.38 -17.53
C1 EDO C . -24.65 -14.79 -5.95
O1 EDO C . -25.53 -15.37 -4.96
C2 EDO C . -25.34 -14.79 -7.30
O2 EDO C . -26.42 -13.85 -7.26
C1 EDO D . 32.14 -15.14 20.86
O1 EDO D . 31.73 -15.73 22.10
C2 EDO D . 32.44 -16.20 19.78
O2 EDO D . 31.90 -17.50 20.08
C1 EDO E . -5.77 1.24 -17.85
O1 EDO E . -5.36 2.26 -18.69
C2 EDO E . -7.23 1.50 -17.89
O2 EDO E . -7.66 0.93 -19.12
C1 EDO F . -0.20 -4.56 -19.68
O1 EDO F . -1.07 -3.79 -20.52
C2 EDO F . -0.99 -4.86 -18.41
O2 EDO F . -2.30 -5.35 -18.78
C1 EDO G . 4.92 20.31 -31.15
O1 EDO G . 4.64 19.17 -30.31
C2 EDO G . 4.61 20.10 -32.62
O2 EDO G . 3.24 19.69 -32.91
C1 EDO H . 7.27 2.44 33.24
O1 EDO H . 7.16 2.47 31.80
C2 EDO H . 6.26 3.38 33.86
O2 EDO H . 5.16 2.55 34.26
#